data_6I66
#
_entry.id   6I66
#
_cell.length_a   64.350
_cell.length_b   64.350
_cell.length_c   135.792
_cell.angle_alpha   90.00
_cell.angle_beta   90.00
_cell.angle_gamma   90.00
#
_symmetry.space_group_name_H-M   'P 41 21 2'
#
loop_
_entity.id
_entity.type
_entity.pdbx_description
1 polymer 'Estrogen-related receptor gamma'
2 non-polymer 4-[(2~{R})-butan-2-yl]phenol
3 non-polymer GLYCEROL
4 water water
#
_entity_poly.entity_id   1
_entity_poly.type   'polypeptide(L)'
_entity_poly.pdbx_seq_one_letter_code
;GPHMLNPQLVQPAKKPYNKIVSHLLVAEPEKIYAMPDPTVPDSDIKALTTLCDLADRELVVIIGWAKHIPGFSTLSLADQ
MSLLQSAWMEILILGVVYRSLSFEDELVYADDYIMDEDQSKLAGLLDLNNAILQLVKKYKSMKLEKEEFVTLKAIALANS
DSMHIEDVEAVQKLQDVLHEALQDYEAGQHMEDPRRAGKMLMTLPLLRQTSTKAVQHFYNIKLEGKVPMHKLFLEMLEAK
V
;
_entity_poly.pdbx_strand_id   A
#
loop_
_chem_comp.id
_chem_comp.type
_chem_comp.name
_chem_comp.formula
GOL non-polymer GLYCEROL 'C3 H8 O3'
H4Q non-polymer 4-[(2~{R})-butan-2-yl]phenol 'C10 H14 O'
#
# COMPACT_ATOMS: atom_id res chain seq x y z
N TYR A 17 21.61 0.25 -11.21
CA TYR A 17 20.38 0.40 -12.01
C TYR A 17 19.80 1.80 -11.90
N ASN A 18 18.51 1.88 -12.23
CA ASN A 18 17.76 3.13 -12.31
C ASN A 18 17.82 4.01 -11.05
N LYS A 19 18.10 5.30 -11.22
CA LYS A 19 18.30 6.20 -10.09
CA LYS A 19 18.31 6.20 -10.09
C LYS A 19 17.03 6.40 -9.27
N ILE A 20 15.89 6.54 -9.95
CA ILE A 20 14.62 6.73 -9.24
C ILE A 20 14.37 5.52 -8.33
N VAL A 21 14.64 4.32 -8.83
CA VAL A 21 14.45 3.13 -8.02
C VAL A 21 15.37 3.18 -6.79
N SER A 22 16.64 3.53 -6.99
CA SER A 22 17.56 3.59 -5.87
CA SER A 22 17.59 3.64 -5.89
C SER A 22 17.13 4.66 -4.87
N HIS A 23 16.59 5.76 -5.38
CA HIS A 23 16.11 6.84 -4.53
C HIS A 23 14.93 6.38 -3.68
N LEU A 24 13.98 5.70 -4.32
CA LEU A 24 12.82 5.21 -3.58
C LEU A 24 13.27 4.22 -2.51
N LEU A 25 14.28 3.41 -2.80
N LEU A 25 14.30 3.44 -2.81
CA LEU A 25 14.77 2.44 -1.81
CA LEU A 25 14.81 2.44 -1.87
C LEU A 25 15.30 3.14 -0.56
C LEU A 25 15.37 3.08 -0.60
N VAL A 26 16.12 4.17 -0.74
CA VAL A 26 16.71 4.82 0.45
C VAL A 26 15.66 5.65 1.19
N ALA A 27 14.57 6.01 0.52
CA ALA A 27 13.50 6.79 1.13
C ALA A 27 12.48 5.90 1.86
N GLU A 28 12.69 4.59 1.80
CA GLU A 28 11.76 3.63 2.42
C GLU A 28 11.73 3.85 3.93
N PRO A 29 10.52 4.01 4.49
CA PRO A 29 10.40 4.21 5.94
C PRO A 29 10.75 2.98 6.74
N GLU A 30 11.15 3.22 7.99
CA GLU A 30 11.37 2.15 8.95
C GLU A 30 10.03 1.51 9.32
N LYS A 31 10.08 0.23 9.67
CA LYS A 31 8.89 -0.48 10.10
C LYS A 31 8.37 0.12 11.40
N ILE A 32 7.06 0.02 11.63
CA ILE A 32 6.53 0.45 12.93
C ILE A 32 5.77 -0.70 13.58
N TYR A 33 5.68 -0.62 14.91
CA TYR A 33 5.08 -1.68 15.68
C TYR A 33 3.60 -1.45 15.86
N ALA A 34 2.82 -2.52 15.96
CA ALA A 34 1.38 -2.39 16.21
C ALA A 34 1.06 -2.13 17.68
N MET A 35 1.85 -2.71 18.57
CA MET A 35 1.63 -2.59 20.02
C MET A 35 0.17 -2.79 20.46
N PRO A 36 -0.37 -4.00 20.22
CA PRO A 36 -1.70 -4.26 20.76
C PRO A 36 -1.68 -4.15 22.29
N ASP A 37 -2.72 -3.57 22.88
CA ASP A 37 -2.76 -3.30 24.32
C ASP A 37 -2.83 -4.60 25.12
N PRO A 38 -1.77 -4.90 25.90
CA PRO A 38 -1.72 -6.21 26.55
C PRO A 38 -2.68 -6.33 27.73
N THR A 39 -3.32 -5.23 28.11
CA THR A 39 -4.24 -5.25 29.24
C THR A 39 -5.68 -5.49 28.77
N VAL A 40 -5.88 -5.43 27.45
CA VAL A 40 -7.22 -5.54 26.88
C VAL A 40 -7.53 -6.99 26.46
N PRO A 41 -8.72 -7.50 26.82
CA PRO A 41 -9.03 -8.86 26.37
C PRO A 41 -9.12 -8.96 24.83
N ASP A 42 -8.68 -10.07 24.27
CA ASP A 42 -8.79 -10.29 22.84
C ASP A 42 -10.25 -10.31 22.41
N SER A 43 -10.54 -9.62 21.33
CA SER A 43 -11.90 -9.49 20.81
C SER A 43 -11.81 -8.94 19.40
N ASP A 44 -12.92 -8.93 18.69
CA ASP A 44 -12.91 -8.35 17.36
C ASP A 44 -12.63 -6.84 17.47
N ILE A 45 -13.21 -6.22 18.49
CA ILE A 45 -13.01 -4.79 18.73
C ILE A 45 -11.52 -4.47 18.99
N LYS A 46 -10.84 -5.30 19.78
CA LYS A 46 -9.40 -5.10 20.04
C LYS A 46 -8.60 -5.18 18.74
N ALA A 47 -8.85 -6.22 17.94
CA ALA A 47 -8.11 -6.43 16.71
C ALA A 47 -8.34 -5.26 15.76
N LEU A 48 -9.61 -4.89 15.58
CA LEU A 48 -9.92 -3.79 14.68
C LEU A 48 -9.37 -2.46 15.17
N THR A 49 -9.42 -2.21 16.48
CA THR A 49 -8.83 -1.00 17.05
C THR A 49 -7.32 -0.96 16.81
N THR A 50 -6.65 -2.09 17.06
CA THR A 50 -5.20 -2.19 16.83
C THR A 50 -4.86 -1.87 15.38
N LEU A 51 -5.61 -2.45 14.45
CA LEU A 51 -5.31 -2.26 13.03
C LEU A 51 -5.54 -0.83 12.56
N CYS A 52 -6.63 -0.22 13.03
CA CYS A 52 -6.91 1.17 12.67
C CYS A 52 -5.91 2.13 13.28
N ASP A 53 -5.42 1.81 14.47
CA ASP A 53 -4.42 2.65 15.12
C ASP A 53 -3.09 2.55 14.36
N LEU A 54 -2.75 1.33 13.93
CA LEU A 54 -1.53 1.09 13.16
C LEU A 54 -1.62 1.85 11.84
N ALA A 55 -2.77 1.71 11.17
CA ALA A 55 -2.97 2.39 9.89
C ALA A 55 -2.84 3.91 10.03
N ASP A 56 -3.37 4.47 11.12
CA ASP A 56 -3.28 5.90 11.34
C ASP A 56 -1.82 6.36 11.41
N ARG A 57 -0.98 5.62 12.15
CA ARG A 57 0.41 5.97 12.26
C ARG A 57 1.17 5.74 10.94
N GLU A 58 0.81 4.68 10.21
CA GLU A 58 1.43 4.45 8.91
C GLU A 58 1.08 5.57 7.94
N LEU A 59 -0.13 6.13 8.03
CA LEU A 59 -0.53 7.21 7.11
C LEU A 59 0.34 8.46 7.30
N VAL A 60 0.66 8.77 8.54
CA VAL A 60 1.58 9.89 8.82
C VAL A 60 2.91 9.67 8.11
N VAL A 61 3.43 8.44 8.21
CA VAL A 61 4.67 8.07 7.57
C VAL A 61 4.59 8.12 6.03
N ILE A 62 3.46 7.70 5.49
CA ILE A 62 3.26 7.70 4.03
C ILE A 62 3.28 9.13 3.47
N ILE A 63 2.64 10.04 4.20
CA ILE A 63 2.62 11.44 3.78
C ILE A 63 4.05 11.98 3.74
N GLY A 64 4.85 11.66 4.75
CA GLY A 64 6.25 12.04 4.78
C GLY A 64 7.07 11.38 3.68
N TRP A 65 6.77 10.13 3.39
CA TRP A 65 7.46 9.39 2.34
C TRP A 65 7.21 9.99 0.95
N ALA A 66 5.99 10.43 0.70
CA ALA A 66 5.61 10.89 -0.63
C ALA A 66 6.43 12.10 -1.08
N LYS A 67 6.94 12.90 -0.13
CA LYS A 67 7.68 14.11 -0.50
C LYS A 67 8.99 13.75 -1.20
N HIS A 68 9.43 12.51 -1.03
CA HIS A 68 10.66 12.05 -1.68
C HIS A 68 10.45 11.60 -3.12
N ILE A 69 9.20 11.44 -3.54
CA ILE A 69 8.93 11.02 -4.92
C ILE A 69 9.15 12.20 -5.85
N PRO A 70 10.02 12.04 -6.87
CA PRO A 70 10.38 13.16 -7.75
C PRO A 70 9.16 13.84 -8.35
N GLY A 71 9.05 15.15 -8.12
CA GLY A 71 7.95 15.93 -8.66
C GLY A 71 6.72 16.02 -7.78
N PHE A 72 6.59 15.12 -6.80
CA PHE A 72 5.36 15.09 -6.03
C PHE A 72 5.14 16.39 -5.23
N SER A 73 6.18 16.90 -4.59
CA SER A 73 6.07 18.08 -3.75
CA SER A 73 6.06 18.07 -3.75
C SER A 73 5.90 19.37 -4.55
N THR A 74 6.17 19.29 -5.85
CA THR A 74 5.98 20.45 -6.70
C THR A 74 4.51 20.61 -7.11
N LEU A 75 3.72 19.55 -6.94
CA LEU A 75 2.27 19.62 -7.16
C LEU A 75 1.62 20.56 -6.14
N SER A 76 0.45 21.10 -6.47
CA SER A 76 -0.31 21.88 -5.51
C SER A 76 -0.65 21.01 -4.30
N LEU A 77 -0.85 21.65 -3.15
CA LEU A 77 -1.17 20.91 -1.94
C LEU A 77 -2.48 20.15 -2.13
N ALA A 78 -3.40 20.73 -2.91
CA ALA A 78 -4.68 20.11 -3.21
C ALA A 78 -4.51 18.81 -4.01
N ASP A 79 -3.61 18.84 -4.99
CA ASP A 79 -3.38 17.67 -5.84
C ASP A 79 -2.62 16.60 -5.06
N GLN A 80 -1.67 17.03 -4.25
CA GLN A 80 -0.98 16.11 -3.34
C GLN A 80 -2.00 15.36 -2.48
N MET A 81 -2.94 16.10 -1.91
CA MET A 81 -3.91 15.47 -1.03
C MET A 81 -4.91 14.62 -1.81
N SER A 82 -5.26 15.03 -3.03
CA SER A 82 -6.16 14.24 -3.86
C SER A 82 -5.55 12.86 -4.16
N LEU A 83 -4.28 12.86 -4.53
CA LEU A 83 -3.58 11.60 -4.82
CA LEU A 83 -3.58 11.60 -4.82
C LEU A 83 -3.55 10.70 -3.59
N LEU A 84 -3.18 11.28 -2.46
CA LEU A 84 -3.10 10.52 -1.22
C LEU A 84 -4.47 9.98 -0.78
N GLN A 85 -5.51 10.79 -0.91
CA GLN A 85 -6.84 10.37 -0.51
C GLN A 85 -7.39 9.24 -1.39
N SER A 86 -6.91 9.17 -2.63
CA SER A 86 -7.33 8.08 -3.50
C SER A 86 -6.51 6.81 -3.29
N ALA A 87 -5.23 6.97 -2.97
CA ALA A 87 -4.30 5.86 -3.02
C ALA A 87 -3.92 5.25 -1.68
N TRP A 88 -4.33 5.88 -0.58
CA TRP A 88 -3.75 5.53 0.72
C TRP A 88 -3.90 4.06 1.08
N MET A 89 -5.06 3.46 0.79
CA MET A 89 -5.26 2.08 1.18
C MET A 89 -4.48 1.13 0.28
N GLU A 90 -4.31 1.47 -1.00
CA GLU A 90 -3.45 0.66 -1.85
C GLU A 90 -2.02 0.65 -1.32
N ILE A 91 -1.56 1.80 -0.84
CA ILE A 91 -0.21 1.88 -0.31
C ILE A 91 -0.10 1.06 0.99
N LEU A 92 -1.08 1.19 1.87
CA LEU A 92 -1.10 0.38 3.10
C LEU A 92 -1.09 -1.12 2.78
N ILE A 93 -1.93 -1.53 1.83
CA ILE A 93 -2.04 -2.94 1.54
C ILE A 93 -0.76 -3.47 0.86
N LEU A 94 -0.16 -2.71 -0.04
CA LEU A 94 1.11 -3.13 -0.63
CA LEU A 94 1.09 -3.17 -0.64
C LEU A 94 2.17 -3.40 0.42
N GLY A 95 2.17 -2.57 1.47
CA GLY A 95 3.07 -2.76 2.60
C GLY A 95 2.86 -4.10 3.30
N VAL A 96 1.62 -4.42 3.68
CA VAL A 96 1.35 -5.68 4.35
CA VAL A 96 1.39 -5.67 4.37
C VAL A 96 1.71 -6.84 3.44
N VAL A 97 1.37 -6.70 2.15
CA VAL A 97 1.69 -7.75 1.20
C VAL A 97 3.19 -8.02 1.15
N TYR A 98 3.99 -6.95 1.02
CA TYR A 98 5.42 -7.12 0.92
C TYR A 98 6.01 -7.74 2.21
N ARG A 99 5.54 -7.30 3.37
CA ARG A 99 6.04 -7.84 4.64
C ARG A 99 5.69 -9.32 4.79
N SER A 100 4.70 -9.78 4.02
CA SER A 100 4.18 -11.13 4.19
C SER A 100 4.75 -12.15 3.20
N LEU A 101 5.63 -11.71 2.30
CA LEU A 101 6.09 -12.56 1.21
C LEU A 101 6.84 -13.83 1.67
N SER A 102 7.55 -13.76 2.79
CA SER A 102 8.31 -14.91 3.27
CA SER A 102 8.31 -14.90 3.28
C SER A 102 7.51 -15.78 4.24
N PHE A 103 6.21 -15.52 4.34
CA PHE A 103 5.33 -16.27 5.24
C PHE A 103 4.30 -17.07 4.46
N GLU A 104 3.60 -17.97 5.14
CA GLU A 104 2.57 -18.77 4.47
C GLU A 104 1.23 -18.65 5.17
N ASP A 105 0.24 -18.16 4.42
CA ASP A 105 -1.13 -18.00 4.89
C ASP A 105 -1.26 -17.12 6.14
N GLU A 106 -0.29 -16.23 6.34
CA GLU A 106 -0.30 -15.27 7.44
C GLU A 106 -0.02 -13.87 6.90
N LEU A 107 -0.64 -12.86 7.51
CA LEU A 107 -0.39 -11.47 7.12
C LEU A 107 0.40 -10.72 8.17
N VAL A 108 1.55 -10.20 7.77
CA VAL A 108 2.41 -9.46 8.68
C VAL A 108 2.05 -7.98 8.68
N TYR A 109 1.02 -7.63 9.43
CA TYR A 109 0.63 -6.23 9.56
C TYR A 109 1.75 -5.46 10.27
N ALA A 110 2.42 -6.12 11.22
CA ALA A 110 3.62 -5.60 11.86
C ALA A 110 4.40 -6.77 12.42
N ASP A 111 5.67 -6.55 12.78
CA ASP A 111 6.47 -7.62 13.35
C ASP A 111 5.78 -8.23 14.57
N ASP A 112 5.09 -7.39 15.34
CA ASP A 112 4.36 -7.84 16.52
C ASP A 112 2.86 -8.02 16.29
N TYR A 113 2.44 -8.12 15.02
CA TYR A 113 1.04 -8.34 14.75
C TYR A 113 0.85 -9.11 13.44
N ILE A 114 0.94 -10.43 13.58
CA ILE A 114 0.86 -11.33 12.44
C ILE A 114 -0.45 -12.11 12.52
N MET A 115 -1.27 -11.98 11.48
CA MET A 115 -2.61 -12.57 11.51
C MET A 115 -2.71 -13.85 10.71
N ASP A 116 -3.15 -14.93 11.38
CA ASP A 116 -3.41 -16.19 10.69
C ASP A 116 -4.92 -16.33 10.45
N GLU A 117 -5.33 -17.44 9.86
CA GLU A 117 -6.73 -17.60 9.47
C GLU A 117 -7.67 -17.49 10.67
N ASP A 118 -7.30 -18.12 11.78
CA ASP A 118 -8.11 -18.07 13.00
C ASP A 118 -8.31 -16.63 13.49
N GLN A 119 -7.24 -15.86 13.54
CA GLN A 119 -7.30 -14.46 13.97
CA GLN A 119 -7.34 -14.48 14.00
C GLN A 119 -8.15 -13.62 13.03
N SER A 120 -8.02 -13.91 11.73
CA SER A 120 -8.80 -13.18 10.74
C SER A 120 -10.30 -13.42 10.96
N LYS A 121 -10.66 -14.68 11.18
CA LYS A 121 -12.05 -15.03 11.48
C LYS A 121 -12.53 -14.31 12.74
N LEU A 122 -11.70 -14.30 13.78
CA LEU A 122 -12.06 -13.63 15.02
C LEU A 122 -12.28 -12.13 14.82
N ALA A 123 -11.53 -11.53 13.89
CA ALA A 123 -11.65 -10.09 13.67
C ALA A 123 -12.75 -9.72 12.67
N GLY A 124 -13.37 -10.73 12.05
CA GLY A 124 -14.37 -10.48 11.03
C GLY A 124 -13.75 -10.10 9.69
N LEU A 125 -12.48 -10.48 9.52
CA LEU A 125 -11.72 -10.07 8.34
C LEU A 125 -11.30 -11.23 7.45
N LEU A 126 -12.01 -12.35 7.53
CA LEU A 126 -11.61 -13.53 6.76
C LEU A 126 -11.63 -13.25 5.26
N ASP A 127 -12.71 -12.65 4.75
CA ASP A 127 -12.80 -12.38 3.32
C ASP A 127 -11.75 -11.37 2.86
N LEU A 128 -11.58 -10.29 3.61
CA LEU A 128 -10.59 -9.28 3.25
C LEU A 128 -9.18 -9.84 3.28
N ASN A 129 -8.83 -10.54 4.35
CA ASN A 129 -7.48 -11.04 4.48
C ASN A 129 -7.18 -12.15 3.47
N ASN A 130 -8.21 -12.90 3.08
CA ASN A 130 -7.99 -13.88 2.02
C ASN A 130 -7.71 -13.19 0.69
N ALA A 131 -8.36 -12.05 0.44
CA ALA A 131 -8.10 -11.27 -0.77
C ALA A 131 -6.66 -10.73 -0.78
N ILE A 132 -6.23 -10.20 0.36
CA ILE A 132 -4.85 -9.75 0.49
C ILE A 132 -3.89 -10.92 0.28
N LEU A 133 -4.23 -12.09 0.81
CA LEU A 133 -3.39 -13.26 0.60
C LEU A 133 -3.33 -13.69 -0.87
N GLN A 134 -4.38 -13.36 -1.65
CA GLN A 134 -4.33 -13.62 -3.09
C GLN A 134 -3.26 -12.72 -3.75
N LEU A 135 -3.17 -11.47 -3.33
CA LEU A 135 -2.09 -10.59 -3.80
C LEU A 135 -0.71 -11.13 -3.43
N VAL A 136 -0.57 -11.60 -2.19
CA VAL A 136 0.69 -12.16 -1.72
C VAL A 136 1.09 -13.34 -2.60
N LYS A 137 0.12 -14.22 -2.86
CA LYS A 137 0.39 -15.41 -3.67
C LYS A 137 0.93 -15.04 -5.05
N LYS A 138 0.30 -14.05 -5.68
CA LYS A 138 0.73 -13.64 -7.00
C LYS A 138 2.15 -13.05 -6.98
N TYR A 139 2.44 -12.18 -6.02
CA TYR A 139 3.78 -11.58 -5.97
C TYR A 139 4.86 -12.60 -5.59
N LYS A 140 4.50 -13.60 -4.78
CA LYS A 140 5.41 -14.70 -4.49
CA LYS A 140 5.40 -14.71 -4.48
C LYS A 140 5.83 -15.42 -5.76
N SER A 141 4.85 -15.74 -6.59
CA SER A 141 5.11 -16.47 -7.82
C SER A 141 5.99 -15.66 -8.76
N MET A 142 5.86 -14.33 -8.71
CA MET A 142 6.65 -13.44 -9.55
C MET A 142 8.00 -13.08 -8.93
N LYS A 143 8.24 -13.54 -7.70
CA LYS A 143 9.44 -13.19 -6.95
C LYS A 143 9.63 -11.68 -6.87
N LEU A 144 8.58 -10.99 -6.41
CA LEU A 144 8.62 -9.54 -6.22
C LEU A 144 9.85 -9.08 -5.42
N GLU A 145 10.59 -8.13 -5.97
CA GLU A 145 11.79 -7.59 -5.32
C GLU A 145 11.45 -6.29 -4.58
N LYS A 146 12.26 -5.93 -3.59
CA LYS A 146 12.04 -4.69 -2.88
C LYS A 146 12.05 -3.48 -3.82
N GLU A 147 12.94 -3.51 -4.81
CA GLU A 147 13.03 -2.48 -5.84
C GLU A 147 11.70 -2.30 -6.56
N GLU A 148 11.05 -3.43 -6.83
CA GLU A 148 9.80 -3.41 -7.57
C GLU A 148 8.65 -2.96 -6.66
N PHE A 149 8.68 -3.42 -5.41
CA PHE A 149 7.69 -3.01 -4.43
C PHE A 149 7.65 -1.49 -4.22
N VAL A 150 8.81 -0.86 -4.01
CA VAL A 150 8.79 0.58 -3.74
C VAL A 150 8.35 1.37 -4.98
N THR A 151 8.70 0.87 -6.16
CA THR A 151 8.31 1.56 -7.40
C THR A 151 6.82 1.41 -7.62
N LEU A 152 6.28 0.23 -7.34
CA LEU A 152 4.84 0.01 -7.46
C LEU A 152 4.06 0.86 -6.46
N LYS A 153 4.59 1.05 -5.24
CA LYS A 153 3.92 1.95 -4.29
C LYS A 153 3.80 3.37 -4.86
N ALA A 154 4.88 3.85 -5.48
CA ALA A 154 4.85 5.19 -6.05
C ALA A 154 3.92 5.26 -7.25
N ILE A 155 3.94 4.22 -8.10
CA ILE A 155 3.04 4.18 -9.25
C ILE A 155 1.58 4.15 -8.80
N ALA A 156 1.27 3.38 -7.75
CA ALA A 156 -0.10 3.33 -7.26
C ALA A 156 -0.57 4.72 -6.81
N LEU A 157 0.33 5.49 -6.19
CA LEU A 157 -0.01 6.84 -5.77
C LEU A 157 -0.31 7.73 -6.98
N ALA A 158 0.57 7.70 -7.97
CA ALA A 158 0.42 8.58 -9.14
C ALA A 158 -0.76 8.18 -10.01
N ASN A 159 -1.05 6.89 -10.04
CA ASN A 159 -2.09 6.33 -10.89
C ASN A 159 -3.41 6.09 -10.16
N SER A 160 -3.70 6.88 -9.13
CA SER A 160 -4.81 6.49 -8.26
C SER A 160 -6.20 6.96 -8.73
N ASP A 161 -6.26 7.64 -9.87
CA ASP A 161 -7.54 7.97 -10.52
C ASP A 161 -8.48 8.86 -9.70
N SER A 162 -7.91 9.81 -8.97
CA SER A 162 -8.74 10.83 -8.31
C SER A 162 -9.54 11.62 -9.34
N MET A 163 -10.77 11.96 -8.98
CA MET A 163 -11.63 12.76 -9.86
C MET A 163 -11.44 14.26 -9.64
N HIS A 164 -10.53 14.64 -8.75
CA HIS A 164 -10.45 16.02 -8.30
C HIS A 164 -9.13 16.73 -8.63
N ILE A 165 -8.41 16.21 -9.61
CA ILE A 165 -7.09 16.74 -9.95
C ILE A 165 -7.18 18.06 -10.68
N GLU A 166 -6.35 19.02 -10.25
CA GLU A 166 -6.27 20.33 -10.90
C GLU A 166 -5.34 20.29 -12.11
N ASP A 167 -4.10 19.87 -11.90
CA ASP A 167 -3.10 19.84 -12.96
C ASP A 167 -2.93 18.41 -13.51
N VAL A 168 -3.82 18.03 -14.43
CA VAL A 168 -3.82 16.69 -14.99
C VAL A 168 -2.51 16.36 -15.73
N GLU A 169 -1.97 17.34 -16.45
CA GLU A 169 -0.75 17.11 -17.20
C GLU A 169 0.45 16.82 -16.28
N ALA A 170 0.49 17.48 -15.13
CA ALA A 170 1.58 17.28 -14.18
C ALA A 170 1.50 15.92 -13.51
N VAL A 171 0.28 15.47 -13.24
CA VAL A 171 0.06 14.15 -12.66
C VAL A 171 0.42 13.08 -13.69
N GLN A 172 0.11 13.33 -14.95
CA GLN A 172 0.49 12.40 -16.01
C GLN A 172 2.00 12.31 -16.13
N LYS A 173 2.68 13.45 -15.98
CA LYS A 173 4.13 13.47 -16.01
C LYS A 173 4.70 12.63 -14.87
N LEU A 174 4.08 12.72 -13.70
CA LEU A 174 4.49 11.94 -12.54
C LEU A 174 4.35 10.43 -12.82
N GLN A 175 3.18 10.03 -13.30
CA GLN A 175 2.96 8.65 -13.76
C GLN A 175 4.04 8.22 -14.74
N ASP A 176 4.34 9.08 -15.72
CA ASP A 176 5.29 8.72 -16.75
CA ASP A 176 5.32 8.77 -16.76
C ASP A 176 6.71 8.55 -16.21
N VAL A 177 7.12 9.44 -15.30
CA VAL A 177 8.44 9.36 -14.68
C VAL A 177 8.62 8.05 -13.93
N LEU A 178 7.60 7.64 -13.18
CA LEU A 178 7.67 6.41 -12.38
C LEU A 178 7.54 5.16 -13.24
N HIS A 179 6.69 5.22 -14.26
CA HIS A 179 6.57 4.12 -15.21
C HIS A 179 7.89 3.88 -15.95
N GLU A 180 8.51 4.98 -16.40
CA GLU A 180 9.81 4.89 -17.04
C GLU A 180 10.83 4.22 -16.12
N ALA A 181 10.78 4.56 -14.83
CA ALA A 181 11.70 3.97 -13.87
C ALA A 181 11.52 2.46 -13.80
N LEU A 182 10.27 2.00 -13.74
CA LEU A 182 9.97 0.58 -13.74
C LEU A 182 10.43 -0.11 -15.04
N GLN A 183 10.13 0.53 -16.17
CA GLN A 183 10.53 -0.01 -17.46
C GLN A 183 12.04 -0.18 -17.54
N ASP A 184 12.76 0.86 -17.14
CA ASP A 184 14.22 0.89 -17.19
CA ASP A 184 14.22 0.87 -17.18
C ASP A 184 14.81 -0.16 -16.24
N TYR A 185 14.26 -0.24 -15.03
CA TYR A 185 14.73 -1.23 -14.07
C TYR A 185 14.59 -2.63 -14.63
N GLU A 186 13.42 -2.94 -15.18
CA GLU A 186 13.20 -4.29 -15.68
C GLU A 186 14.06 -4.61 -16.92
N ALA A 187 14.28 -3.61 -17.77
CA ALA A 187 15.08 -3.80 -18.97
C ALA A 187 16.53 -4.13 -18.63
N GLY A 188 17.01 -3.57 -17.53
CA GLY A 188 18.39 -3.79 -17.11
C GLY A 188 18.59 -4.99 -16.20
N GLN A 189 17.62 -5.26 -15.34
CA GLN A 189 17.78 -6.29 -14.33
CA GLN A 189 17.75 -6.28 -14.30
C GLN A 189 17.11 -7.61 -14.71
N HIS A 190 16.18 -7.57 -15.66
CA HIS A 190 15.44 -8.77 -15.99
C HIS A 190 15.32 -8.99 -17.49
N MET A 191 16.48 -9.04 -18.16
CA MET A 191 16.52 -9.26 -19.60
C MET A 191 15.91 -10.58 -20.02
N GLU A 192 15.83 -11.54 -19.10
CA GLU A 192 15.27 -12.86 -19.40
C GLU A 192 13.76 -12.80 -19.64
N ASP A 193 13.12 -11.72 -19.18
CA ASP A 193 11.68 -11.55 -19.35
C ASP A 193 11.36 -10.14 -19.85
N PRO A 194 11.27 -9.98 -21.17
CA PRO A 194 11.01 -8.64 -21.73
C PRO A 194 9.59 -8.14 -21.46
N ARG A 195 8.79 -8.91 -20.74
CA ARG A 195 7.45 -8.45 -20.39
C ARG A 195 7.26 -8.32 -18.88
N ARG A 196 8.35 -8.33 -18.11
CA ARG A 196 8.20 -8.25 -16.66
C ARG A 196 7.59 -6.93 -16.17
N ALA A 197 7.99 -5.78 -16.75
CA ALA A 197 7.40 -4.51 -16.32
C ALA A 197 5.88 -4.54 -16.48
N GLY A 198 5.44 -5.02 -17.65
CA GLY A 198 4.01 -5.11 -17.90
C GLY A 198 3.30 -6.07 -16.95
N LYS A 199 3.94 -7.20 -16.64
CA LYS A 199 3.37 -8.11 -15.66
C LYS A 199 3.19 -7.42 -14.31
N MET A 200 4.18 -6.62 -13.92
CA MET A 200 4.06 -5.85 -12.69
C MET A 200 2.88 -4.87 -12.75
N LEU A 201 2.74 -4.16 -13.85
CA LEU A 201 1.61 -3.24 -13.98
C LEU A 201 0.27 -4.00 -13.93
N MET A 202 0.25 -5.22 -14.46
CA MET A 202 -0.97 -6.02 -14.52
CA MET A 202 -1.00 -5.95 -14.49
C MET A 202 -1.40 -6.55 -13.14
N THR A 203 -0.57 -6.35 -12.12
CA THR A 203 -1.00 -6.67 -10.76
C THR A 203 -1.80 -5.54 -10.10
N LEU A 204 -1.78 -4.35 -10.69
CA LEU A 204 -2.44 -3.21 -10.09
C LEU A 204 -3.98 -3.31 -10.01
N PRO A 205 -4.64 -3.97 -10.99
CA PRO A 205 -6.10 -4.10 -10.83
C PRO A 205 -6.49 -4.88 -9.58
N LEU A 206 -5.80 -5.98 -9.27
CA LEU A 206 -6.13 -6.72 -8.05
C LEU A 206 -5.83 -5.88 -6.79
N LEU A 207 -4.76 -5.09 -6.82
CA LEU A 207 -4.49 -4.18 -5.70
C LEU A 207 -5.64 -3.18 -5.51
N ARG A 208 -6.11 -2.61 -6.62
CA ARG A 208 -7.22 -1.65 -6.58
C ARG A 208 -8.48 -2.32 -6.02
N GLN A 209 -8.77 -3.52 -6.49
CA GLN A 209 -9.95 -4.27 -6.07
CA GLN A 209 -9.93 -4.29 -6.07
C GLN A 209 -9.92 -4.58 -4.58
N THR A 210 -8.77 -5.03 -4.11
CA THR A 210 -8.60 -5.41 -2.71
C THR A 210 -8.68 -4.18 -1.79
N SER A 211 -8.09 -3.08 -2.23
CA SER A 211 -8.14 -1.82 -1.49
CA SER A 211 -8.14 -1.86 -1.44
C SER A 211 -9.56 -1.30 -1.34
N THR A 212 -10.34 -1.42 -2.41
CA THR A 212 -11.71 -0.97 -2.37
C THR A 212 -12.49 -1.84 -1.38
N LYS A 213 -12.23 -3.14 -1.39
CA LYS A 213 -12.88 -4.05 -0.44
C LYS A 213 -12.58 -3.59 0.99
N ALA A 214 -11.32 -3.23 1.24
CA ALA A 214 -10.90 -2.82 2.58
C ALA A 214 -11.54 -1.50 3.02
N VAL A 215 -11.56 -0.51 2.13
CA VAL A 215 -12.11 0.80 2.44
C VAL A 215 -13.61 0.65 2.75
N GLN A 216 -14.32 -0.11 1.94
CA GLN A 216 -15.75 -0.31 2.16
C GLN A 216 -16.03 -0.99 3.49
N HIS A 217 -15.21 -1.97 3.85
CA HIS A 217 -15.42 -2.69 5.10
C HIS A 217 -15.16 -1.80 6.30
N PHE A 218 -14.07 -1.02 6.24
CA PHE A 218 -13.74 -0.21 7.39
C PHE A 218 -14.61 1.05 7.44
N TYR A 219 -15.23 1.40 6.32
CA TYR A 219 -16.18 2.49 6.36
C TYR A 219 -17.42 2.03 7.12
N ASN A 220 -17.79 0.77 6.95
CA ASN A 220 -18.94 0.22 7.67
C ASN A 220 -18.64 0.14 9.16
N ILE A 221 -17.43 -0.28 9.49
CA ILE A 221 -16.98 -0.32 10.87
CA ILE A 221 -16.99 -0.32 10.87
C ILE A 221 -17.08 1.07 11.49
N LYS A 222 -16.71 2.08 10.71
CA LYS A 222 -16.77 3.47 11.16
C LYS A 222 -18.21 3.87 11.50
N LEU A 223 -19.13 3.47 10.62
CA LEU A 223 -20.55 3.78 10.80
C LEU A 223 -21.13 3.13 12.05
N GLU A 224 -20.74 1.88 12.30
CA GLU A 224 -21.26 1.14 13.45
C GLU A 224 -20.85 1.74 14.79
N GLY A 225 -19.73 2.46 14.79
CA GLY A 225 -19.33 3.26 15.95
C GLY A 225 -18.75 2.51 17.14
N LYS A 226 -18.42 1.24 16.97
CA LYS A 226 -17.92 0.44 18.09
C LYS A 226 -16.38 0.40 18.15
N VAL A 227 -15.75 0.90 17.09
CA VAL A 227 -14.29 0.91 17.04
C VAL A 227 -13.77 2.34 16.92
N PRO A 228 -12.99 2.77 17.91
CA PRO A 228 -12.39 4.11 17.98
C PRO A 228 -11.37 4.32 16.87
N MET A 229 -11.45 5.46 16.20
CA MET A 229 -10.54 5.77 15.10
C MET A 229 -9.94 7.16 15.28
N HIS A 230 -8.68 7.30 14.87
CA HIS A 230 -8.00 8.58 15.00
C HIS A 230 -8.29 9.49 13.80
N LYS A 231 -7.88 10.75 13.94
CA LYS A 231 -8.28 11.82 13.04
C LYS A 231 -7.86 11.62 11.59
N LEU A 232 -6.59 11.33 11.37
CA LEU A 232 -6.07 11.17 10.00
C LEU A 232 -6.72 9.99 9.28
N PHE A 233 -6.83 8.86 9.98
CA PHE A 233 -7.48 7.66 9.43
C PHE A 233 -8.92 7.98 9.05
N LEU A 234 -9.61 8.67 9.95
CA LEU A 234 -11.01 9.04 9.71
C LEU A 234 -11.15 9.98 8.50
N GLU A 235 -10.20 10.90 8.38
CA GLU A 235 -10.20 11.84 7.27
C GLU A 235 -10.05 11.09 5.94
N MET A 236 -9.09 10.18 5.88
CA MET A 236 -8.85 9.40 4.65
C MET A 236 -10.05 8.53 4.32
N LEU A 237 -10.61 7.92 5.35
CA LEU A 237 -11.78 7.06 5.19
C LEU A 237 -12.98 7.85 4.67
N GLU A 238 -13.11 9.10 5.11
CA GLU A 238 -14.27 9.91 4.76
C GLU A 238 -14.08 10.69 3.45
N ALA A 239 -12.95 10.51 2.80
CA ALA A 239 -12.64 11.24 1.58
C ALA A 239 -13.21 10.57 0.35
CAA H4Q B . -8.05 -0.44 7.71
CAA H4Q B . -6.51 -4.29 6.93
CAH H4Q B . -6.55 -0.53 7.52
CAH H4Q B . -6.95 -3.04 7.68
CAK H4Q B . -6.05 -1.97 7.72
CAK H4Q B . -6.35 -1.77 7.06
CAB H4Q B . -6.70 -2.88 6.67
CAB H4Q B . -6.91 -0.53 7.77
CAJ H4Q B . -4.68 -1.92 7.54
CAJ H4Q B . -4.96 -1.78 7.12
CAF H4Q B . -4.14 -2.22 6.30
CAF H4Q B . -4.32 -1.50 8.33
CAD H4Q B . -2.78 -2.15 6.09
CAD H4Q B . -2.94 -1.50 8.43
CAI H4Q B . -1.95 -1.76 7.13
CAI H4Q B . -2.18 -1.77 7.29
OAC H4Q B . -0.61 -1.69 6.91
OAC H4Q B . -0.82 -1.76 7.37
CAE H4Q B . -2.48 -1.44 8.38
CAE H4Q B . -2.80 -2.04 6.08
CAG H4Q B . -3.85 -1.52 8.59
CAG H4Q B . -4.19 -2.04 6.00
C1 GOL C . -13.98 7.22 16.07
O1 GOL C . -14.03 8.14 17.13
C2 GOL C . -15.22 6.33 16.03
O2 GOL C . -15.95 6.47 17.24
C3 GOL C . -16.08 6.77 14.85
O3 GOL C . -17.06 5.80 14.58
C1 GOL D . 7.36 -3.13 3.86
O1 GOL D . 6.69 -2.36 4.83
C2 GOL D . 8.81 -3.35 4.31
O2 GOL D . 9.18 -4.69 4.26
C3 GOL D . 9.74 -2.54 3.41
O3 GOL D . 10.34 -1.55 4.20
#